data_2WJ9
#
_entry.id   2WJ9
#
_cell.length_a   57.900
_cell.length_b   67.640
_cell.length_c   80.610
_cell.angle_alpha   90.00
_cell.angle_beta   90.00
_cell.angle_gamma   90.00
#
_symmetry.space_group_name_H-M   'P 21 21 21'
#
loop_
_entity.id
_entity.type
_entity.pdbx_description
1 polymer 'INTERGENIC-REGION PROTEIN'
2 non-polymer BETA-MERCAPTOETHANOL
3 non-polymer (4S)-2-METHYL-2,4-PENTANEDIOL
4 non-polymer 'SULFATE ION'
5 non-polymer 'CHLORIDE ION'
6 water water
#
_entity_poly.entity_id   1
_entity_poly.type   'polypeptide(L)'
_entity_poly.pdbx_seq_one_letter_code
;MMNVMLPAPDLYSLSFIHITRISYMKTLSQNTTSSACAPETGLQQLVATIVPDEQRISFWPQHFGLIPQWVTLEPRVFGW
MDRLCENYCGGIWNLYTLNNGGAFMAPEPDDDDDETWVLFNAMNGNRAEMSPEAAGIAACLMTYSHHACRTECYAMTVHY
YRLRDYALQHPECSAIMRIID
;
_entity_poly.pdbx_strand_id   A,B
#
loop_
_chem_comp.id
_chem_comp.type
_chem_comp.name
_chem_comp.formula
BME non-polymer BETA-MERCAPTOETHANOL 'C2 H6 O S'
CL non-polymer 'CHLORIDE ION' 'Cl -1'
MPD non-polymer (4S)-2-METHYL-2,4-PENTANEDIOL 'C6 H14 O2'
SO4 non-polymer 'SULFATE ION' 'O4 S -2'
#
# COMPACT_ATOMS: atom_id res chain seq x y z
N THR A 33 -6.84 -4.84 16.75
CA THR A 33 -6.25 -6.06 16.22
C THR A 33 -5.26 -5.75 15.10
N SER A 34 -5.28 -4.51 14.63
CA SER A 34 -4.82 -4.13 12.92
CA SER A 34 -4.81 -4.14 12.93
C SER A 34 -3.48 -3.50 13.37
N SER A 35 -2.44 -3.82 12.61
CA SER A 35 -1.10 -3.36 12.90
C SER A 35 -0.52 -2.57 11.73
N ALA A 36 0.29 -1.56 12.03
CA ALA A 36 1.02 -0.83 11.01
C ALA A 36 2.22 -1.63 10.46
N CYS A 37 2.57 -2.74 11.10
CA CYS A 37 3.64 -3.60 10.62
C CYS A 37 3.14 -4.45 9.44
N ALA A 38 3.78 -4.26 8.28
CA ALA A 38 3.43 -4.98 7.04
C ALA A 38 4.58 -5.88 6.60
N PRO A 39 4.51 -7.20 6.94
CA PRO A 39 5.59 -8.13 6.65
C PRO A 39 5.69 -8.65 5.20
N GLU A 40 4.65 -8.47 4.41
CA GLU A 40 4.63 -9.02 3.06
C GLU A 40 5.56 -8.23 2.12
N THR A 41 6.28 -8.95 1.26
CA THR A 41 7.20 -8.35 0.29
C THR A 41 6.67 -8.61 -1.12
N GLY A 42 6.88 -9.83 -1.62
CA GLY A 42 6.33 -10.24 -2.90
C GLY A 42 4.84 -10.47 -2.80
N LEU A 43 4.26 -11.05 -3.85
CA LEU A 43 2.82 -11.26 -3.91
C LEU A 43 2.41 -12.46 -3.05
N GLN A 44 2.02 -12.19 -1.80
CA GLN A 44 1.67 -13.27 -0.87
C GLN A 44 0.29 -13.82 -1.22
N GLN A 45 0.08 -15.12 -0.98
CA GLN A 45 -1.22 -15.73 -1.19
C GLN A 45 -2.20 -15.31 -0.10
N LEU A 46 -3.29 -14.67 -0.51
CA LEU A 46 -4.24 -14.10 0.45
C LEU A 46 -5.51 -14.94 0.58
N VAL A 47 -6.01 -15.02 1.81
CA VAL A 47 -7.22 -15.78 2.13
C VAL A 47 -8.22 -14.91 2.90
N ALA A 48 -9.48 -14.94 2.48
CA ALA A 48 -10.57 -14.30 3.19
C ALA A 48 -11.29 -15.32 4.06
N THR A 49 -11.50 -14.97 5.32
CA THR A 49 -12.17 -15.85 6.28
C THR A 49 -13.40 -15.17 6.86
N ILE A 50 -14.54 -15.84 6.77
CA ILE A 50 -15.79 -15.29 7.29
C ILE A 50 -15.69 -15.11 8.80
N VAL A 51 -16.27 -14.03 9.30
CA VAL A 51 -16.28 -13.75 10.73
C VAL A 51 -17.40 -14.55 11.39
N PRO A 52 -17.07 -15.34 12.44
CA PRO A 52 -18.09 -16.14 13.12
C PRO A 52 -19.20 -15.26 13.71
N ASP A 53 -20.41 -15.78 13.78
CA ASP A 53 -21.56 -15.01 14.30
C ASP A 53 -21.23 -14.36 15.64
N GLU A 54 -20.56 -15.12 16.50
CA GLU A 54 -20.14 -14.66 17.83
C GLU A 54 -19.33 -13.36 17.78
N GLN A 55 -18.42 -13.29 16.80
CA GLN A 55 -17.48 -12.16 16.69
C GLN A 55 -17.98 -11.02 15.81
N ARG A 56 -19.15 -11.18 15.18
CA ARG A 56 -19.70 -10.14 14.29
C ARG A 56 -19.82 -8.80 15.01
N ILE A 57 -20.39 -8.84 16.22
CA ILE A 57 -20.67 -7.64 17.00
C ILE A 57 -19.42 -6.76 17.25
N SER A 58 -18.26 -7.40 17.38
CA SER A 58 -17.00 -6.69 17.67
C SER A 58 -16.14 -6.40 16.42
N PHE A 59 -16.65 -6.72 15.24
CA PHE A 59 -15.87 -6.58 13.99
C PHE A 59 -15.36 -5.16 13.73
N TRP A 60 -16.27 -4.19 13.70
CA TRP A 60 -15.90 -2.82 13.33
C TRP A 60 -14.94 -2.14 14.32
N PRO A 61 -15.24 -2.16 15.63
CA PRO A 61 -14.28 -1.56 16.55
C PRO A 61 -12.93 -2.28 16.59
N GLN A 62 -12.92 -3.60 16.43
CA GLN A 62 -11.68 -4.38 16.49
C GLN A 62 -10.71 -4.04 15.36
N HIS A 63 -11.25 -3.82 14.16
CA HIS A 63 -10.43 -3.60 12.97
C HIS A 63 -10.27 -2.13 12.57
N PHE A 64 -11.23 -1.29 12.99
CA PHE A 64 -11.26 0.13 12.59
C PHE A 64 -11.36 1.15 13.75
N GLY A 65 -11.36 0.66 14.98
CA GLY A 65 -11.70 1.48 16.16
C GLY A 65 -10.80 2.65 16.50
N LEU A 66 -9.57 2.63 16.01
CA LEU A 66 -8.63 3.74 16.20
C LEU A 66 -8.74 4.82 15.10
N ILE A 67 -9.70 4.66 14.17
CA ILE A 67 -9.88 5.60 13.07
C ILE A 67 -11.06 6.55 13.36
N PRO A 68 -10.83 7.87 13.29
CA PRO A 68 -11.93 8.82 13.42
C PRO A 68 -13.14 8.47 12.55
N GLN A 69 -14.33 8.61 13.15
CA GLN A 69 -15.62 8.35 12.49
CA GLN A 69 -15.61 8.36 12.47
C GLN A 69 -15.76 6.91 11.97
N TRP A 70 -15.12 5.96 12.64
CA TRP A 70 -15.21 4.56 12.20
C TRP A 70 -16.64 4.00 12.20
N VAL A 71 -17.49 4.52 13.10
CA VAL A 71 -18.88 4.08 13.15
C VAL A 71 -19.66 4.40 11.86
N THR A 72 -19.15 5.35 11.06
CA THR A 72 -19.78 5.71 9.79
C THR A 72 -19.42 4.78 8.63
N LEU A 73 -18.41 3.92 8.80
CA LEU A 73 -17.92 3.09 7.70
C LEU A 73 -19.00 2.13 7.18
N GLU A 74 -19.68 1.43 8.10
CA GLU A 74 -20.74 0.49 7.71
C GLU A 74 -21.85 1.16 6.85
N PRO A 75 -22.50 2.23 7.36
CA PRO A 75 -23.50 2.87 6.48
C PRO A 75 -22.94 3.43 5.17
N ARG A 76 -21.68 3.89 5.15
CA ARG A 76 -21.07 4.42 3.92
C ARG A 76 -20.79 3.32 2.87
N VAL A 77 -20.47 2.11 3.32
CA VAL A 77 -20.36 0.96 2.42
C VAL A 77 -21.72 0.62 1.80
N PHE A 78 -22.76 0.56 2.64
CA PHE A 78 -24.14 0.35 2.17
C PHE A 78 -24.52 1.41 1.14
N GLY A 79 -24.11 2.65 1.39
CA GLY A 79 -24.36 3.78 0.48
C GLY A 79 -23.64 3.68 -0.85
N TRP A 80 -22.38 3.26 -0.84
CA TRP A 80 -21.62 3.07 -2.08
C TRP A 80 -22.25 1.95 -2.91
N MET A 81 -22.74 0.89 -2.26
CA MET A 81 -23.45 -0.17 -2.96
C MET A 81 -24.74 0.36 -3.60
N ASP A 82 -25.47 1.19 -2.85
CA ASP A 82 -26.68 1.87 -3.36
C ASP A 82 -26.34 2.67 -4.63
N ARG A 83 -25.25 3.44 -4.53
CA ARG A 83 -24.76 4.31 -5.60
C ARG A 83 -24.34 3.52 -6.85
N LEU A 84 -23.53 2.48 -6.64
CA LEU A 84 -22.96 1.70 -7.75
C LEU A 84 -23.96 0.77 -8.44
N CYS A 85 -24.90 0.24 -7.67
N CYS A 85 -24.93 0.28 -7.69
CA CYS A 85 -25.87 -0.72 -8.19
CA CYS A 85 -26.03 -0.50 -8.27
C CYS A 85 -26.77 -0.11 -9.27
C CYS A 85 -27.02 0.39 -9.01
N CYS A 89 -29.86 -5.34 -6.81
CA CYS A 89 -28.97 -5.76 -5.73
C CYS A 89 -29.71 -5.82 -4.39
N ILE A 92 -28.49 -9.81 3.02
CA ILE A 92 -27.65 -9.87 4.22
C ILE A 92 -26.18 -9.75 3.83
N TRP A 93 -25.41 -9.06 4.66
CA TRP A 93 -23.98 -8.92 4.44
C TRP A 93 -23.22 -9.89 5.33
N ASN A 94 -22.11 -10.39 4.81
CA ASN A 94 -21.15 -11.17 5.60
C ASN A 94 -19.90 -10.34 5.82
N LEU A 95 -19.27 -10.53 6.98
CA LEU A 95 -18.05 -9.83 7.35
C LEU A 95 -16.86 -10.78 7.15
N TYR A 96 -15.75 -10.23 6.68
CA TYR A 96 -14.54 -11.02 6.38
C TYR A 96 -13.26 -10.37 6.90
N THR A 97 -12.32 -11.21 7.32
CA THR A 97 -10.94 -10.79 7.60
C THR A 97 -9.96 -11.38 6.57
N LEU A 98 -8.86 -10.67 6.35
CA LEU A 98 -7.80 -11.08 5.43
C LEU A 98 -6.51 -11.39 6.19
N ASN A 99 -5.71 -12.32 5.69
CA ASN A 99 -4.45 -12.71 6.36
C ASN A 99 -3.30 -11.70 6.22
N ASN A 100 -3.54 -10.58 5.54
CA ASN A 100 -2.58 -9.46 5.55
C ASN A 100 -3.00 -8.32 6.50
N GLY A 101 -4.04 -8.58 7.30
CA GLY A 101 -4.56 -7.58 8.24
C GLY A 101 -5.73 -6.77 7.70
N GLY A 102 -6.11 -7.01 6.46
CA GLY A 102 -7.27 -6.33 5.87
C GLY A 102 -8.60 -6.88 6.39
N ALA A 103 -9.68 -6.19 6.03
CA ALA A 103 -11.03 -6.56 6.43
C ALA A 103 -12.04 -5.92 5.49
N PHE A 104 -13.15 -6.61 5.24
CA PHE A 104 -14.20 -6.06 4.40
C PHE A 104 -15.54 -6.75 4.66
N MET A 105 -16.59 -6.29 3.99
CA MET A 105 -17.86 -7.00 3.99
C MET A 105 -18.43 -7.07 2.59
N ALA A 106 -19.21 -8.12 2.34
CA ALA A 106 -19.81 -8.34 1.04
C ALA A 106 -21.15 -9.06 1.20
N PRO A 107 -22.15 -8.66 0.40
CA PRO A 107 -23.49 -9.21 0.46
C PRO A 107 -23.58 -10.52 -0.28
N GLU A 108 -24.62 -11.30 0.01
CA GLU A 108 -24.82 -12.58 -0.67
C GLU A 108 -26.20 -12.68 -1.30
N GLU A 115 -25.73 -15.53 -9.42
CA GLU A 115 -26.15 -14.18 -9.77
C GLU A 115 -24.96 -13.28 -10.13
N THR A 116 -25.23 -12.35 -11.03
CA THR A 116 -24.27 -11.33 -11.40
C THR A 116 -24.99 -9.98 -11.42
N TRP A 117 -24.33 -8.95 -10.93
CA TRP A 117 -24.88 -7.60 -10.89
C TRP A 117 -24.14 -6.70 -11.87
N VAL A 118 -24.82 -5.66 -12.35
CA VAL A 118 -24.20 -4.63 -13.19
C VAL A 118 -24.03 -3.34 -12.38
N LEU A 119 -22.78 -2.88 -12.26
CA LEU A 119 -22.45 -1.68 -11.50
C LEU A 119 -22.05 -0.55 -12.45
N PHE A 120 -22.34 0.68 -12.02
CA PHE A 120 -21.99 1.88 -12.78
C PHE A 120 -21.42 2.94 -11.84
N ASN A 121 -20.22 3.44 -12.15
CA ASN A 121 -19.58 4.53 -11.41
C ASN A 121 -19.56 5.83 -12.22
N ALA A 122 -20.36 6.81 -11.80
CA ALA A 122 -20.46 8.08 -12.50
C ALA A 122 -19.17 8.93 -12.44
N MET A 123 -18.31 8.66 -11.45
CA MET A 123 -17.05 9.39 -11.31
CA MET A 123 -17.04 9.39 -11.30
C MET A 123 -16.15 9.20 -12.53
N ASN A 124 -16.13 7.98 -13.08
CA ASN A 124 -15.30 7.65 -14.25
C ASN A 124 -16.09 7.20 -15.49
N GLY A 125 -17.39 7.00 -15.32
CA GLY A 125 -18.27 6.63 -16.43
C GLY A 125 -18.22 5.15 -16.83
N ASN A 126 -17.60 4.32 -16.00
CA ASN A 126 -17.40 2.90 -16.31
C ASN A 126 -18.53 2.02 -15.77
N ARG A 127 -18.90 1.02 -16.55
CA ARG A 127 -19.89 0.01 -16.15
C ARG A 127 -19.21 -1.35 -16.15
N ALA A 128 -19.60 -2.24 -15.23
CA ALA A 128 -19.00 -3.58 -15.16
C ALA A 128 -19.91 -4.63 -14.51
N GLU A 129 -19.89 -5.84 -15.07
CA GLU A 129 -20.66 -6.97 -14.54
CA GLU A 129 -20.66 -6.97 -14.55
C GLU A 129 -19.79 -7.78 -13.59
N MET A 130 -20.32 -8.10 -12.40
CA MET A 130 -19.58 -8.90 -11.42
C MET A 130 -20.47 -9.55 -10.35
N SER A 131 -19.89 -10.49 -9.60
CA SER A 131 -20.59 -11.17 -8.50
C SER A 131 -20.90 -10.23 -7.33
N PRO A 132 -21.90 -10.58 -6.49
CA PRO A 132 -22.14 -9.83 -5.26
C PRO A 132 -20.91 -9.68 -4.34
N GLU A 133 -20.09 -10.72 -4.21
CA GLU A 133 -18.81 -10.60 -3.47
C GLU A 133 -17.94 -9.50 -4.07
N ALA A 134 -17.75 -9.52 -5.39
CA ALA A 134 -16.89 -8.55 -6.07
C ALA A 134 -17.42 -7.14 -5.90
N ALA A 135 -18.73 -7.00 -5.99
CA ALA A 135 -19.39 -5.72 -5.78
C ALA A 135 -19.11 -5.17 -4.38
N GLY A 136 -19.19 -6.03 -3.37
CA GLY A 136 -18.89 -5.64 -1.98
C GLY A 136 -17.45 -5.16 -1.81
N ILE A 137 -16.51 -5.88 -2.43
CA ILE A 137 -15.11 -5.51 -2.40
C ILE A 137 -14.93 -4.12 -3.01
N ALA A 138 -15.57 -3.90 -4.17
CA ALA A 138 -15.59 -2.58 -4.84
C ALA A 138 -16.18 -1.45 -3.96
N ALA A 139 -17.33 -1.71 -3.37
CA ALA A 139 -17.94 -0.75 -2.44
C ALA A 139 -17.02 -0.41 -1.27
N CYS A 140 -16.37 -1.42 -0.69
CA CYS A 140 -15.45 -1.17 0.43
C CYS A 140 -14.22 -0.36 0.01
N LEU A 141 -13.64 -0.69 -1.15
CA LEU A 141 -12.46 0.05 -1.64
C LEU A 141 -12.73 1.54 -1.85
N MET A 142 -13.92 1.87 -2.39
CA MET A 142 -14.32 3.26 -2.56
C MET A 142 -14.54 3.95 -1.22
N THR A 143 -15.21 3.26 -0.30
CA THR A 143 -15.44 3.79 1.06
C THR A 143 -14.11 4.09 1.78
N TYR A 144 -13.16 3.15 1.73
CA TYR A 144 -11.88 3.31 2.44
C TYR A 144 -11.03 4.43 1.84
N SER A 145 -10.92 4.45 0.52
CA SER A 145 -10.13 5.49 -0.16
C SER A 145 -10.70 6.89 0.12
N HIS A 146 -12.03 7.02 0.02
CA HIS A 146 -12.68 8.29 0.28
C HIS A 146 -12.52 8.73 1.75
N HIS A 147 -12.63 7.79 2.68
CA HIS A 147 -12.51 8.14 4.11
C HIS A 147 -11.06 8.53 4.44
N ALA A 148 -10.08 7.92 3.77
CA ALA A 148 -8.69 8.34 3.96
C ALA A 148 -8.47 9.79 3.59
N CYS A 149 -9.05 10.21 2.46
CA CYS A 149 -8.95 11.60 2.03
C CYS A 149 -9.69 12.53 3.00
N ARG A 150 -10.86 12.11 3.45
CA ARG A 150 -11.70 12.91 4.37
C ARG A 150 -11.02 13.18 5.72
N THR A 151 -10.35 12.18 6.27
CA THR A 151 -9.82 12.22 7.62
C THR A 151 -8.30 12.45 7.72
N GLU A 152 -7.58 12.28 6.61
CA GLU A 152 -6.11 12.21 6.59
C GLU A 152 -5.52 11.17 7.57
N CYS A 153 -6.27 10.08 7.78
CA CYS A 153 -5.83 8.99 8.63
CA CYS A 153 -5.84 8.98 8.63
C CYS A 153 -5.19 7.87 7.79
N TYR A 154 -3.88 7.70 7.95
CA TYR A 154 -3.12 6.72 7.16
C TYR A 154 -3.53 5.26 7.39
N ALA A 155 -4.08 4.93 8.56
CA ALA A 155 -4.63 3.58 8.79
C ALA A 155 -5.75 3.23 7.79
N MET A 156 -6.50 4.24 7.35
N MET A 156 -6.51 4.22 7.34
CA MET A 156 -7.52 4.02 6.33
CA MET A 156 -7.52 3.98 6.29
C MET A 156 -6.90 3.71 4.96
C MET A 156 -6.88 3.69 4.94
N THR A 157 -5.82 4.42 4.63
CA THR A 157 -5.03 4.15 3.41
C THR A 157 -4.47 2.72 3.42
N VAL A 158 -4.00 2.28 4.57
CA VAL A 158 -3.49 0.91 4.72
C VAL A 158 -4.61 -0.13 4.49
N HIS A 159 -5.80 0.12 5.05
CA HIS A 159 -6.98 -0.72 4.75
C HIS A 159 -7.28 -0.77 3.24
N TYR A 160 -7.20 0.36 2.56
CA TYR A 160 -7.33 0.37 1.09
C TYR A 160 -6.34 -0.55 0.41
N TYR A 161 -5.05 -0.39 0.71
CA TYR A 161 -4.01 -1.25 0.08
C TYR A 161 -4.17 -2.75 0.35
N ARG A 162 -4.51 -3.09 1.60
CA ARG A 162 -4.62 -4.49 2.01
C ARG A 162 -5.79 -5.20 1.33
N LEU A 163 -6.92 -4.50 1.20
CA LEU A 163 -8.07 -5.03 0.46
C LEU A 163 -7.80 -5.02 -1.03
N ARG A 164 -7.13 -3.98 -1.51
CA ARG A 164 -6.79 -3.89 -2.93
C ARG A 164 -5.93 -5.06 -3.38
N ASP A 165 -4.97 -5.47 -2.55
CA ASP A 165 -4.12 -6.62 -2.86
C ASP A 165 -4.93 -7.92 -2.97
N TYR A 166 -5.95 -8.08 -2.13
CA TYR A 166 -6.89 -9.20 -2.28
C TYR A 166 -7.62 -9.12 -3.62
N ALA A 167 -8.11 -7.94 -3.99
CA ALA A 167 -8.74 -7.75 -5.30
C ALA A 167 -7.81 -8.12 -6.47
N LEU A 168 -6.52 -7.79 -6.35
CA LEU A 168 -5.56 -8.12 -7.42
C LEU A 168 -5.41 -9.60 -7.70
N GLN A 169 -5.56 -10.44 -6.67
CA GLN A 169 -5.46 -11.88 -6.83
C GLN A 169 -6.83 -12.56 -7.01
N HIS A 170 -7.90 -11.76 -6.97
CA HIS A 170 -9.27 -12.24 -7.10
C HIS A 170 -9.56 -12.57 -8.57
N PRO A 171 -10.36 -13.62 -8.83
CA PRO A 171 -10.70 -13.93 -10.22
C PRO A 171 -11.37 -12.79 -11.00
N GLU A 172 -12.05 -11.89 -10.28
CA GLU A 172 -12.78 -10.78 -10.88
C GLU A 172 -12.03 -9.44 -10.76
N CYS A 173 -10.69 -9.51 -10.62
CA CYS A 173 -9.84 -8.33 -10.56
C CYS A 173 -10.20 -7.30 -11.63
N SER A 174 -10.42 -7.75 -12.87
CA SER A 174 -10.61 -6.82 -13.99
C SER A 174 -11.83 -5.93 -13.78
N ALA A 175 -12.94 -6.54 -13.35
CA ALA A 175 -14.18 -5.80 -13.10
C ALA A 175 -14.02 -4.88 -11.90
N ILE A 176 -13.36 -5.37 -10.84
CA ILE A 176 -13.17 -4.58 -9.63
C ILE A 176 -12.32 -3.34 -9.93
N MET A 177 -11.18 -3.53 -10.59
CA MET A 177 -10.28 -2.41 -10.91
C MET A 177 -10.90 -1.44 -11.90
N ARG A 178 -11.75 -1.95 -12.79
CA ARG A 178 -12.41 -1.09 -13.76
C ARG A 178 -13.37 -0.12 -13.08
N ILE A 179 -14.19 -0.64 -12.16
CA ILE A 179 -15.21 0.17 -11.53
C ILE A 179 -14.59 1.24 -10.60
N ILE A 180 -13.38 0.99 -10.10
CA ILE A 180 -12.66 1.97 -9.26
C ILE A 180 -11.54 2.75 -9.98
N ASP A 181 -11.49 2.69 -11.32
CA ASP A 181 -10.42 3.35 -12.08
C ASP A 181 -10.45 4.87 -11.89
N THR B 32 2.69 16.32 -3.04
CA THR B 32 3.50 17.40 -2.42
C THR B 32 3.93 17.05 -0.99
N THR B 33 3.01 16.51 -0.18
CA THR B 33 3.29 16.17 1.23
C THR B 33 3.13 14.68 1.57
N SER B 34 2.98 13.84 0.54
CA SER B 34 2.71 12.42 0.74
C SER B 34 1.49 12.20 1.67
N SER B 35 0.43 12.94 1.36
CA SER B 35 -0.88 12.87 2.04
C SER B 35 -1.48 11.45 2.11
N ALA B 36 -2.41 11.23 3.03
CA ALA B 36 -3.09 9.92 3.16
C ALA B 36 -4.06 9.68 2.00
N CYS B 37 -4.40 10.74 1.29
CA CYS B 37 -5.33 10.66 0.18
C CYS B 37 -4.61 10.13 -1.06
N ALA B 38 -5.16 9.08 -1.68
CA ALA B 38 -4.59 8.55 -2.92
C ALA B 38 -4.88 9.46 -4.13
N PRO B 39 -3.85 9.84 -4.92
CA PRO B 39 -4.06 10.53 -6.20
C PRO B 39 -4.98 9.78 -7.17
N GLU B 40 -4.83 8.46 -7.23
CA GLU B 40 -5.71 7.58 -8.01
C GLU B 40 -5.92 6.25 -7.30
N THR B 41 -7.05 5.60 -7.59
CA THR B 41 -7.29 4.22 -7.15
C THR B 41 -7.23 3.32 -8.39
N GLY B 42 -7.26 2.01 -8.18
CA GLY B 42 -7.14 1.05 -9.29
C GLY B 42 -5.73 0.96 -9.88
N LEU B 43 -5.67 0.66 -11.18
CA LEU B 43 -4.40 0.49 -11.90
C LEU B 43 -3.83 1.85 -12.36
N GLN B 44 -2.52 2.07 -12.17
CA GLN B 44 -1.89 3.37 -12.47
C GLN B 44 -0.42 3.23 -12.87
N GLN B 45 -0.01 3.93 -13.94
CA GLN B 45 1.40 3.98 -14.33
C GLN B 45 2.17 4.87 -13.36
N LEU B 46 3.15 4.28 -12.69
CA LEU B 46 3.91 4.99 -11.67
C LEU B 46 5.21 5.55 -12.25
N VAL B 47 5.56 6.76 -11.82
CA VAL B 47 6.71 7.49 -12.35
C VAL B 47 7.44 8.19 -11.21
N ALA B 48 8.77 8.07 -11.19
CA ALA B 48 9.64 8.77 -10.23
C ALA B 48 10.20 10.05 -10.86
N THR B 49 10.21 11.13 -10.09
CA THR B 49 10.72 12.42 -10.58
C THR B 49 11.76 12.95 -9.60
N ILE B 50 12.91 13.38 -10.11
CA ILE B 50 14.00 13.85 -9.25
C ILE B 50 13.56 15.12 -8.50
N VAL B 51 14.02 15.26 -7.25
CA VAL B 51 13.75 16.45 -6.46
C VAL B 51 14.77 17.53 -6.83
N PRO B 52 14.32 18.74 -7.21
CA PRO B 52 15.26 19.83 -7.54
C PRO B 52 16.22 20.17 -6.41
N ASP B 53 17.44 20.59 -6.76
CA ASP B 53 18.45 20.95 -5.76
C ASP B 53 17.90 21.97 -4.76
N GLU B 54 17.07 22.88 -5.26
CA GLU B 54 16.41 23.92 -4.48
C GLU B 54 15.60 23.36 -3.31
N GLN B 55 14.90 22.26 -3.56
CA GLN B 55 13.95 21.67 -2.60
C GLN B 55 14.52 20.48 -1.82
N ARG B 56 15.79 20.14 -2.05
CA ARG B 56 16.40 18.98 -1.41
C ARG B 56 16.28 19.02 0.10
N ILE B 57 16.62 20.16 0.69
CA ILE B 57 16.72 20.26 2.14
C ILE B 57 15.36 20.10 2.85
N SER B 58 14.26 20.39 2.14
CA SER B 58 12.91 20.24 2.71
C SER B 58 12.28 18.84 2.54
N PHE B 59 12.96 17.97 1.79
CA PHE B 59 12.40 16.66 1.40
C PHE B 59 11.90 15.80 2.57
N TRP B 60 12.77 15.56 3.54
CA TRP B 60 12.44 14.63 4.62
C TRP B 60 11.29 15.10 5.52
N PRO B 61 11.34 16.35 6.05
CA PRO B 61 10.19 16.79 6.84
C PRO B 61 8.90 16.94 6.00
N GLN B 62 9.03 17.38 4.75
CA GLN B 62 7.86 17.57 3.88
C GLN B 62 7.09 16.27 3.64
N HIS B 63 7.82 15.18 3.38
CA HIS B 63 7.21 13.88 3.03
C HIS B 63 7.12 12.86 4.18
N PHE B 64 7.92 13.06 5.23
CA PHE B 64 8.05 12.05 6.30
C PHE B 64 7.87 12.65 7.72
N GLY B 65 7.57 13.94 7.82
CA GLY B 65 7.59 14.65 9.12
C GLY B 65 6.59 14.21 10.20
N LEU B 66 5.61 13.38 9.83
CA LEU B 66 4.65 12.84 10.79
C LEU B 66 5.16 11.57 11.48
N ILE B 67 6.28 11.03 11.01
CA ILE B 67 6.78 9.73 11.45
C ILE B 67 7.88 9.91 12.49
N PRO B 68 7.80 9.17 13.62
CA PRO B 68 8.86 9.29 14.62
C PRO B 68 10.25 8.99 14.05
N GLN B 69 11.23 9.81 14.43
CA GLN B 69 12.62 9.65 13.97
C GLN B 69 12.84 9.82 12.47
N TRP B 70 12.05 10.68 11.83
CA TRP B 70 12.18 10.90 10.38
C TRP B 70 13.57 11.41 9.99
N VAL B 71 14.24 12.13 10.90
CA VAL B 71 15.54 12.72 10.57
C VAL B 71 16.60 11.61 10.45
N THR B 72 16.30 10.44 11.00
CA THR B 72 17.22 9.29 10.95
C THR B 72 17.04 8.38 9.72
N LEU B 73 15.99 8.60 8.94
CA LEU B 73 15.68 7.69 7.81
C LEU B 73 16.83 7.63 6.79
N GLU B 74 17.38 8.78 6.42
CA GLU B 74 18.49 8.79 5.43
C GLU B 74 19.71 7.97 5.92
N PRO B 75 20.24 8.25 7.13
CA PRO B 75 21.23 7.34 7.73
C PRO B 75 20.84 5.85 7.77
N ARG B 76 19.57 5.55 8.04
CA ARG B 76 19.11 4.15 8.09
C ARG B 76 19.16 3.46 6.70
N VAL B 77 18.80 4.21 5.66
CA VAL B 77 18.90 3.69 4.28
C VAL B 77 20.35 3.35 3.92
N PHE B 78 21.27 4.27 4.21
CA PHE B 78 22.70 4.02 3.98
C PHE B 78 23.19 2.82 4.81
N GLY B 79 22.66 2.67 6.02
CA GLY B 79 22.97 1.53 6.87
C GLY B 79 22.55 0.22 6.22
N TRP B 80 21.31 0.16 5.73
CA TRP B 80 20.86 -1.04 5.00
C TRP B 80 21.71 -1.30 3.74
N MET B 81 22.07 -0.24 3.02
CA MET B 81 22.84 -0.38 1.79
C MET B 81 24.23 -0.98 2.11
N ASP B 82 24.83 -0.56 3.22
CA ASP B 82 26.08 -1.15 3.69
C ASP B 82 25.96 -2.61 4.09
N ARG B 83 24.83 -3.00 4.68
CA ARG B 83 24.60 -4.41 5.02
C ARG B 83 24.44 -5.27 3.76
N LEU B 84 23.73 -4.73 2.78
CA LEU B 84 23.39 -5.49 1.57
C LEU B 84 24.56 -5.60 0.58
N CYS B 85 25.39 -4.56 0.51
CA CYS B 85 26.45 -4.49 -0.50
C CYS B 85 27.55 -5.53 -0.23
N GLU B 86 27.87 -6.32 -1.26
CA GLU B 86 28.86 -7.39 -1.16
C GLU B 86 30.30 -6.87 -1.09
N ASN B 87 30.63 -5.95 -1.99
CA ASN B 87 31.98 -5.37 -2.02
C ASN B 87 31.90 -3.83 -2.04
N TYR B 88 32.10 -3.21 -3.20
CA TYR B 88 32.00 -1.74 -3.29
C TYR B 88 30.80 -1.33 -4.14
N CYS B 89 29.94 -0.50 -3.55
CA CYS B 89 28.76 0.01 -4.25
C CYS B 89 28.98 1.51 -4.55
N GLY B 90 28.86 2.36 -3.55
CA GLY B 90 29.22 3.77 -3.70
C GLY B 90 28.13 4.59 -4.40
N GLY B 91 28.53 5.45 -5.32
CA GLY B 91 27.58 6.28 -6.08
C GLY B 91 27.22 7.63 -5.47
N ILE B 92 26.49 8.42 -6.27
CA ILE B 92 25.97 9.73 -5.87
C ILE B 92 24.46 9.59 -5.75
N TRP B 93 23.93 9.87 -4.56
CA TRP B 93 22.52 9.59 -4.25
C TRP B 93 21.60 10.79 -4.41
N ASN B 94 20.50 10.60 -5.11
CA ASN B 94 19.48 11.63 -5.36
C ASN B 94 18.18 11.32 -4.63
N LEU B 95 17.33 12.34 -4.51
CA LEU B 95 16.02 12.21 -3.89
C LEU B 95 14.93 12.25 -4.97
N TYR B 96 13.91 11.41 -4.79
CA TYR B 96 12.83 11.22 -5.78
C TYR B 96 11.43 11.21 -5.12
N THR B 97 10.46 11.77 -5.85
CA THR B 97 9.03 11.65 -5.51
C THR B 97 8.31 10.74 -6.52
N LEU B 98 7.23 10.11 -6.07
CA LEU B 98 6.41 9.22 -6.90
C LEU B 98 5.01 9.86 -7.08
N ASN B 99 4.36 9.60 -8.20
CA ASN B 99 3.03 10.19 -8.49
C ASN B 99 1.85 9.50 -7.77
N ASN B 100 2.15 8.53 -6.90
CA ASN B 100 1.16 7.98 -5.97
C ASN B 100 1.32 8.51 -4.54
N GLY B 101 2.20 9.50 -4.36
CA GLY B 101 2.51 10.09 -3.05
C GLY B 101 3.74 9.52 -2.36
N GLY B 102 4.36 8.52 -2.97
CA GLY B 102 5.57 7.92 -2.40
C GLY B 102 6.80 8.78 -2.60
N ALA B 103 7.90 8.35 -1.99
CA ALA B 103 9.17 9.07 -2.11
C ALA B 103 10.31 8.13 -1.70
N PHE B 104 11.49 8.35 -2.26
CA PHE B 104 12.66 7.50 -1.97
C PHE B 104 13.99 8.17 -2.35
N MET B 105 15.09 7.49 -2.07
CA MET B 105 16.40 7.97 -2.49
C MET B 105 17.16 6.85 -3.17
N ALA B 106 17.93 7.19 -4.20
CA ALA B 106 18.71 6.20 -4.96
C ALA B 106 19.78 6.87 -5.81
N PRO B 107 20.76 6.10 -6.26
CA PRO B 107 21.53 6.58 -7.42
C PRO B 107 20.66 6.69 -8.69
N GLU B 108 21.17 7.44 -9.66
CA GLU B 108 20.47 7.70 -10.93
C GLU B 108 20.15 6.41 -11.69
N PRO B 109 18.99 6.37 -12.39
CA PRO B 109 18.71 5.24 -13.29
C PRO B 109 19.52 5.27 -14.59
N GLU B 115 26.96 -0.58 -15.61
CA GLU B 115 27.34 -0.62 -14.19
C GLU B 115 26.30 -1.38 -13.38
N THR B 116 26.75 -2.36 -12.61
CA THR B 116 25.84 -3.20 -11.80
C THR B 116 26.47 -3.53 -10.44
N TRP B 117 25.61 -3.64 -9.42
CA TRP B 117 26.06 -4.00 -8.07
C TRP B 117 25.55 -5.39 -7.67
N VAL B 118 26.36 -6.11 -6.88
CA VAL B 118 25.95 -7.37 -6.29
C VAL B 118 25.61 -7.18 -4.82
N LEU B 119 24.40 -7.60 -4.43
CA LEU B 119 23.92 -7.48 -3.06
C LEU B 119 23.72 -8.87 -2.46
N PHE B 120 23.85 -8.96 -1.13
CA PHE B 120 23.59 -10.21 -0.40
C PHE B 120 22.87 -9.90 0.92
N ASN B 121 21.73 -10.55 1.11
CA ASN B 121 20.97 -10.42 2.35
C ASN B 121 21.12 -11.69 3.21
N ALA B 122 21.80 -11.54 4.35
CA ALA B 122 22.00 -12.65 5.28
C ALA B 122 20.71 -13.16 5.95
N MET B 123 19.69 -12.33 6.05
N MET B 123 19.70 -12.29 6.05
CA MET B 123 18.43 -12.75 6.68
CA MET B 123 18.39 -12.63 6.63
C MET B 123 17.70 -13.81 5.84
C MET B 123 17.72 -13.77 5.85
N ASN B 124 17.82 -13.72 4.52
CA ASN B 124 17.22 -14.76 3.63
C ASN B 124 18.21 -15.61 2.80
N GLY B 125 19.49 -15.27 2.85
CA GLY B 125 20.54 -16.07 2.16
C GLY B 125 20.67 -15.87 0.66
N ASN B 126 20.02 -14.84 0.13
CA ASN B 126 19.96 -14.59 -1.33
C ASN B 126 20.99 -13.57 -1.83
N ARG B 127 21.61 -13.89 -2.96
CA ARG B 127 22.42 -12.92 -3.71
C ARG B 127 21.60 -12.42 -4.90
N ALA B 128 21.84 -11.18 -5.31
CA ALA B 128 21.17 -10.62 -6.48
C ALA B 128 22.01 -9.51 -7.11
N GLU B 129 22.03 -9.50 -8.44
CA GLU B 129 22.75 -8.50 -9.22
C GLU B 129 21.73 -7.50 -9.79
N MET B 130 22.02 -6.21 -9.65
CA MET B 130 21.07 -5.18 -10.08
C MET B 130 21.73 -3.81 -10.26
N SER B 131 21.01 -2.90 -10.93
CA SER B 131 21.48 -1.52 -11.14
C SER B 131 21.60 -0.78 -9.81
N PRO B 132 22.47 0.25 -9.75
CA PRO B 132 22.46 1.14 -8.60
C PRO B 132 21.07 1.69 -8.21
N GLU B 133 20.26 2.11 -9.20
CA GLU B 133 18.88 2.56 -8.91
C GLU B 133 18.08 1.50 -8.17
N ALA B 134 18.09 0.28 -8.69
CA ALA B 134 17.31 -0.82 -8.09
C ALA B 134 17.77 -1.16 -6.67
N ALA B 135 19.10 -1.17 -6.46
CA ALA B 135 19.66 -1.34 -5.11
C ALA B 135 19.13 -0.30 -4.11
N GLY B 136 19.09 0.97 -4.52
CA GLY B 136 18.54 2.03 -3.68
C GLY B 136 17.07 1.83 -3.34
N ILE B 137 16.28 1.39 -4.33
CA ILE B 137 14.87 1.06 -4.09
C ILE B 137 14.76 -0.04 -3.02
N ALA B 138 15.57 -1.08 -3.19
CA ALA B 138 15.63 -2.21 -2.25
C ALA B 138 16.01 -1.77 -0.82
N ALA B 139 17.03 -0.94 -0.69
CA ALA B 139 17.43 -0.43 0.63
C ALA B 139 16.32 0.40 1.30
N CYS B 140 15.63 1.23 0.52
CA CYS B 140 14.51 2.02 1.05
C CYS B 140 13.32 1.15 1.50
N LEU B 141 12.99 0.14 0.72
CA LEU B 141 11.93 -0.80 1.11
C LEU B 141 12.20 -1.45 2.48
N MET B 142 13.42 -1.94 2.68
CA MET B 142 13.82 -2.58 3.93
CA MET B 142 13.78 -2.59 3.93
C MET B 142 13.74 -1.58 5.08
N THR B 143 14.21 -0.36 4.83
CA THR B 143 14.16 0.72 5.83
C THR B 143 12.72 1.03 6.26
N TYR B 144 11.83 1.23 5.28
CA TYR B 144 10.44 1.62 5.56
C TYR B 144 9.67 0.52 6.31
N SER B 145 9.83 -0.73 5.87
CA SER B 145 9.13 -1.86 6.49
CA SER B 145 9.14 -1.85 6.48
C SER B 145 9.58 -2.07 7.94
N HIS B 146 10.90 -2.04 8.16
CA HIS B 146 11.44 -2.16 9.50
C HIS B 146 10.93 -1.04 10.42
N HIS B 147 10.96 0.19 9.91
CA HIS B 147 10.63 1.34 10.74
C HIS B 147 9.11 1.42 11.03
N ALA B 148 8.31 0.97 10.07
CA ALA B 148 6.86 0.84 10.29
C ALA B 148 6.55 -0.13 11.44
N CYS B 149 7.28 -1.25 11.48
CA CYS B 149 7.07 -2.24 12.53
C CYS B 149 7.55 -1.76 13.90
N ARG B 150 8.62 -0.98 13.92
CA ARG B 150 9.13 -0.42 15.18
C ARG B 150 8.20 0.66 15.74
N THR B 151 7.75 1.58 14.89
CA THR B 151 7.03 2.77 15.33
C THR B 151 5.52 2.58 15.45
N GLU B 152 4.97 1.57 14.76
CA GLU B 152 3.52 1.41 14.59
C GLU B 152 2.87 2.68 14.04
N CYS B 153 3.60 3.39 13.17
CA CYS B 153 3.11 4.61 12.54
C CYS B 153 2.61 4.30 11.12
N TYR B 154 1.30 4.41 10.91
CA TYR B 154 0.71 4.02 9.62
C TYR B 154 1.19 4.89 8.45
N ALA B 155 1.63 6.11 8.73
CA ALA B 155 2.25 6.93 7.67
C ALA B 155 3.51 6.26 7.09
N MET B 156 4.27 5.54 7.92
CA MET B 156 5.47 4.83 7.43
C MET B 156 5.05 3.62 6.59
N THR B 157 4.03 2.91 7.07
CA THR B 157 3.40 1.79 6.33
C THR B 157 2.96 2.22 4.92
N VAL B 158 2.32 3.38 4.83
CA VAL B 158 1.88 3.87 3.53
C VAL B 158 3.05 4.15 2.57
N HIS B 159 4.13 4.77 3.07
CA HIS B 159 5.37 4.91 2.28
C HIS B 159 5.88 3.55 1.76
N TYR B 160 5.84 2.52 2.62
CA TYR B 160 6.23 1.18 2.20
C TYR B 160 5.37 0.64 1.06
N TYR B 161 4.04 0.70 1.22
CA TYR B 161 3.13 0.21 0.16
C TYR B 161 3.30 0.99 -1.16
N ARG B 162 3.52 2.29 -1.05
CA ARG B 162 3.64 3.13 -2.26
C ARG B 162 4.92 2.84 -3.06
N LEU B 163 6.04 2.71 -2.36
CA LEU B 163 7.30 2.31 -3.00
C LEU B 163 7.27 0.85 -3.49
N ARG B 164 6.66 -0.05 -2.71
CA ARG B 164 6.46 -1.43 -3.12
C ARG B 164 5.76 -1.52 -4.48
N ASP B 165 4.73 -0.71 -4.69
CA ASP B 165 4.03 -0.69 -5.99
C ASP B 165 4.95 -0.28 -7.15
N TYR B 166 5.77 0.73 -6.93
CA TYR B 166 6.79 1.13 -7.92
C TYR B 166 7.77 -0.01 -8.23
N ALA B 167 8.18 -0.74 -7.18
CA ALA B 167 9.06 -1.91 -7.33
C ALA B 167 8.38 -3.02 -8.14
N LEU B 168 7.08 -3.22 -7.89
CA LEU B 168 6.32 -4.25 -8.59
C LEU B 168 6.19 -3.97 -10.09
N GLN B 169 6.31 -2.71 -10.49
CA GLN B 169 6.25 -2.31 -11.90
C GLN B 169 7.63 -2.18 -12.55
N HIS B 170 8.69 -2.31 -11.76
CA HIS B 170 10.07 -2.01 -12.18
C HIS B 170 10.65 -3.12 -13.06
N PRO B 171 11.46 -2.77 -14.08
CA PRO B 171 12.11 -3.80 -14.91
C PRO B 171 12.95 -4.81 -14.13
N GLU B 172 13.49 -4.39 -12.99
CA GLU B 172 14.28 -5.26 -12.11
C GLU B 172 13.51 -5.70 -10.86
N CYS B 173 12.19 -5.78 -10.98
CA CYS B 173 11.32 -6.26 -9.88
C CYS B 173 11.79 -7.59 -9.30
N SER B 174 12.14 -8.53 -10.16
CA SER B 174 12.52 -9.88 -9.72
CA SER B 174 12.52 -9.88 -9.72
C SER B 174 13.70 -9.82 -8.76
N ALA B 175 14.74 -9.06 -9.13
CA ALA B 175 15.92 -8.92 -8.28
C ALA B 175 15.62 -8.16 -6.98
N ILE B 176 14.81 -7.10 -7.06
CA ILE B 176 14.44 -6.32 -5.88
C ILE B 176 13.68 -7.20 -4.88
N MET B 177 12.70 -7.95 -5.36
CA MET B 177 11.87 -8.78 -4.50
C MET B 177 12.66 -9.95 -3.93
N ARG B 178 13.66 -10.42 -4.69
CA ARG B 178 14.53 -11.52 -4.23
C ARG B 178 15.36 -11.09 -3.03
N ILE B 179 15.94 -9.90 -3.11
CA ILE B 179 16.84 -9.42 -2.07
C ILE B 179 16.10 -9.08 -0.77
N ILE B 180 14.86 -8.57 -0.88
CA ILE B 180 14.11 -8.17 0.31
C ILE B 180 13.21 -9.28 0.87
N ASP B 181 13.19 -10.44 0.20
CA ASP B 181 12.22 -11.49 0.50
C ASP B 181 12.24 -11.88 1.97
C1 BME C . -5.41 -7.72 -14.19
C2 BME C . -5.86 -6.32 -13.80
O1 BME C . -6.36 -8.38 -15.00
S2 BME C . -7.17 -6.37 -12.56
C1 MPD D . -17.65 -1.87 -22.37
C2 MPD D . -16.44 -2.50 -21.67
O2 MPD D . -16.21 -3.80 -22.23
CM MPD D . -15.21 -1.63 -21.88
C3 MPD D . -16.71 -2.63 -20.17
C4 MPD D . -16.37 -4.03 -19.63
O4 MPD D . -16.31 -4.02 -18.20
C5 MPD D . -17.41 -5.03 -20.08
C1 BME E . -5.72 12.56 11.26
C2 BME E . -4.97 11.32 11.71
O1 BME E . -5.30 13.68 12.01
S2 BME E . -6.07 9.93 12.07
C1 BME F . -1.90 7.48 11.80
C2 BME F . -3.24 8.05 11.38
O1 BME F . -0.86 8.11 11.07
S2 BME F . -4.48 6.77 11.03
S SO4 G . -31.65 -3.13 4.03
O1 SO4 G . -33.04 -2.80 4.33
O2 SO4 G . -31.50 -4.59 4.08
O3 SO4 G . -31.32 -2.63 2.71
O4 SO4 G . -30.78 -2.56 5.05
S SO4 H . 18.53 -0.11 12.03
O1 SO4 H . 18.10 -1.34 11.37
O2 SO4 H . 19.98 -0.08 12.09
O3 SO4 H . 17.99 0.99 11.20
O4 SO4 H . 18.01 -0.08 13.40
C1 BME I . 6.28 -8.93 -10.56
C2 BME I . 7.69 -9.49 -10.62
O1 BME I . 5.73 -9.15 -9.28
S2 BME I . 8.72 -9.01 -9.20
C1 MPD J . 8.41 12.91 14.35
C2 MPD J . 7.13 13.33 15.04
O2 MPD J . 7.35 14.58 15.67
CM MPD J . 6.02 13.47 14.01
C3 MPD J . 6.75 12.29 16.11
C4 MPD J . 5.26 12.30 16.47
O4 MPD J . 4.93 11.16 17.28
C5 MPD J . 4.84 13.61 17.16
C1 MPD K . -0.97 -3.21 -8.88
C2 MPD K . 0.36 -2.67 -9.39
O2 MPD K . 0.47 -2.10 -10.69
CM MPD K . 1.64 -2.90 -8.61
C3 MPD K . 0.08 -1.31 -8.68
C4 MPD K . -0.47 -0.08 -9.49
O4 MPD K . -1.30 -0.38 -10.62
C5 MPD K . -1.15 0.93 -8.56
C1 BME L . 2.85 9.40 15.38
C2 BME L . 2.93 7.98 14.83
O1 BME L . 1.53 9.90 15.25
S2 BME L . 2.23 7.86 13.16
CL CL M . -2.33 -4.06 -18.42
#